data_4DXL
#
_entry.id   4DXL
#
_cell.length_a   46.590
_cell.length_b   110.090
_cell.length_c   53.290
_cell.angle_alpha   90.000
_cell.angle_beta   90.000
_cell.angle_gamma   90.000
#
_symmetry.space_group_name_H-M   'P 21 21 2'
#
loop_
_entity.id
_entity.type
_entity.pdbx_description
1 polymer '4-diphosphocytidyl-2-C-methyl-D-erythritol kinase'
2 non-polymer "CYTIDINE-5'-MONOPHOSPHATE"
3 non-polymer "ADENOSINE-5'-TRIPHOSPHATE"
4 non-polymer 'CHLORIDE ION'
5 water water
#
_entity_poly.entity_id   1
_entity_poly.type   'polypeptide(L)'
_entity_poly.pdbx_seq_one_letter_code
;GPGSMSETVSDWVPTGAVTVRAPGKVNLYLAVGDLRDDGYHELTTVFHAVSLADDVTVRDADVLSIDVVGQGEGTVPTDE
RNLAWQAAELFADHVGRAPDVSIFINKDIPVAGGMAGGSADAAAVLVAMNELWHAGVPRRDLHHLAAQLGSDVPFALHGG
TALGTGRGEQLATVLARNVFHWVFAFADGGLATPQVFKEIDRLRENGDPPRLAEADELLGALAAGDARRLAPLLGNELQA
AAVSLNPELRRTLRAGESAGALAGIVSGSGPTCAFLCTSADDAVQVSAELAGAGVCRTVRVASGPVHGAQVIQGRSDG
;
_entity_poly.pdbx_strand_id   A
#
loop_
_chem_comp.id
_chem_comp.type
_chem_comp.name
_chem_comp.formula
ATP non-polymer ADENOSINE-5'-TRIPHOSPHATE 'C10 H16 N5 O13 P3'
C5P non-polymer CYTIDINE-5'-MONOPHOSPHATE 'C9 H14 N3 O8 P'
CL non-polymer 'CHLORIDE ION' 'Cl -1'
#
# COMPACT_ATOMS: atom_id res chain seq x y z
N VAL A 9 -5.74 17.39 -11.72
CA VAL A 9 -6.55 18.11 -12.72
C VAL A 9 -6.41 17.43 -14.08
N SER A 10 -5.80 16.25 -14.08
CA SER A 10 -5.83 15.32 -15.23
C SER A 10 -6.68 14.08 -14.95
N ASP A 11 -7.35 14.05 -13.79
CA ASP A 11 -8.22 12.93 -13.44
C ASP A 11 -9.39 12.88 -14.39
N TRP A 12 -9.92 11.68 -14.61
CA TRP A 12 -11.07 11.51 -15.47
C TRP A 12 -12.27 11.80 -14.61
N VAL A 13 -12.99 12.87 -14.89
CA VAL A 13 -14.15 13.24 -14.07
C VAL A 13 -15.38 13.60 -14.91
N PRO A 14 -15.91 12.63 -15.66
CA PRO A 14 -17.04 12.98 -16.53
C PRO A 14 -18.28 13.33 -15.71
N THR A 15 -19.23 14.08 -16.29
CA THR A 15 -20.44 14.49 -15.56
C THR A 15 -21.20 13.22 -15.16
N GLY A 16 -21.66 13.19 -13.92
CA GLY A 16 -22.38 12.03 -13.40
C GLY A 16 -21.49 10.90 -12.87
N ALA A 17 -20.17 11.00 -13.03
CA ALA A 17 -19.25 10.00 -12.47
C ALA A 17 -18.79 10.46 -11.09
N VAL A 18 -18.26 9.55 -10.27
CA VAL A 18 -17.58 9.92 -9.03
C VAL A 18 -16.17 9.37 -9.08
N THR A 19 -15.17 10.23 -8.84
CA THR A 19 -13.78 9.84 -8.92
C THR A 19 -13.14 9.94 -7.57
N VAL A 20 -12.47 8.86 -7.20
CA VAL A 20 -11.86 8.69 -5.90
C VAL A 20 -10.40 8.30 -6.09
N ARG A 21 -9.52 9.02 -5.39
CA ARG A 21 -8.10 8.71 -5.25
C ARG A 21 -7.89 7.92 -3.99
N ALA A 22 -7.19 6.80 -4.11
CA ALA A 22 -6.77 6.09 -2.91
C ALA A 22 -5.27 5.77 -3.00
N PRO A 23 -4.54 6.00 -1.88
CA PRO A 23 -3.08 5.91 -1.90
C PRO A 23 -2.47 4.51 -1.73
N GLY A 24 -1.26 4.33 -2.28
CA GLY A 24 -0.40 3.23 -1.89
C GLY A 24 0.13 3.38 -0.46
N LYS A 25 0.61 2.28 0.09
CA LYS A 25 1.24 2.33 1.40
C LYS A 25 2.65 1.76 1.41
N VAL A 26 3.36 2.13 2.49
CA VAL A 26 4.61 1.50 2.87
C VAL A 26 4.45 1.16 4.36
N ASN A 27 4.95 0.00 4.76
CA ASN A 27 5.02 -0.29 6.19
C ASN A 27 6.32 0.25 6.74
N LEU A 28 6.21 1.25 7.61
CA LEU A 28 7.38 1.84 8.26
C LEU A 28 7.93 0.84 9.28
N TYR A 29 7.01 0.04 9.82
CA TYR A 29 7.32 -0.97 10.85
C TYR A 29 6.37 -2.15 10.59
N LEU A 30 6.90 -3.38 10.55
CA LEU A 30 6.05 -4.57 10.36
C LEU A 30 6.66 -5.77 11.13
N ALA A 31 6.06 -6.06 12.27
CA ALA A 31 6.33 -7.27 13.05
C ALA A 31 5.26 -8.34 12.72
N VAL A 32 5.75 -9.53 12.44
CA VAL A 32 4.90 -10.63 12.04
C VAL A 32 4.97 -11.68 13.13
N GLY A 33 3.80 -12.03 13.67
CA GLY A 33 3.71 -12.99 14.77
C GLY A 33 3.26 -14.36 14.28
N ASP A 34 2.63 -15.09 15.19
CA ASP A 34 2.12 -16.42 14.92
C ASP A 34 1.02 -16.47 13.87
N LEU A 35 1.07 -17.55 13.10
CA LEU A 35 -0.04 -17.97 12.23
C LEU A 35 -1.25 -18.27 13.14
N ARG A 36 -2.37 -17.57 12.90
CA ARG A 36 -3.60 -17.65 13.72
C ARG A 36 -4.41 -18.88 13.35
N ASP A 37 -5.47 -19.14 14.11
CA ASP A 37 -6.48 -20.12 13.70
C ASP A 37 -6.87 -19.85 12.25
N ASP A 38 -7.53 -18.72 12.03
CA ASP A 38 -8.07 -18.37 10.69
C ASP A 38 -7.12 -18.44 9.46
N GLY A 39 -5.86 -18.82 9.63
CA GLY A 39 -4.88 -18.91 8.52
C GLY A 39 -4.06 -17.63 8.26
N TYR A 40 -4.33 -16.58 9.03
CA TYR A 40 -3.64 -15.28 8.90
C TYR A 40 -2.59 -15.15 9.99
N HIS A 41 -1.69 -14.19 9.82
CA HIS A 41 -0.69 -13.90 10.83
C HIS A 41 -1.13 -12.72 11.62
N GLU A 42 -0.87 -12.78 12.93
CA GLU A 42 -1.02 -11.61 13.78
C GLU A 42 0.12 -10.61 13.40
N LEU A 43 -0.26 -9.35 13.22
CA LEU A 43 0.66 -8.29 12.82
C LEU A 43 0.66 -7.19 13.86
N THR A 44 1.80 -6.50 13.96
CA THR A 44 1.89 -5.14 14.42
C THR A 44 2.66 -4.36 13.36
N THR A 45 1.96 -3.41 12.73
CA THR A 45 2.55 -2.63 11.69
C THR A 45 2.22 -1.16 11.88
N VAL A 46 3.13 -0.31 11.42
CA VAL A 46 2.82 1.12 11.20
C VAL A 46 2.71 1.32 9.70
N PHE A 47 1.46 1.49 9.24
CA PHE A 47 1.15 1.80 7.85
C PHE A 47 1.39 3.30 7.61
N HIS A 48 1.82 3.63 6.40
CA HIS A 48 2.06 5.03 6.01
C HIS A 48 1.62 5.20 4.58
N ALA A 49 0.70 6.14 4.36
CA ALA A 49 0.10 6.40 3.05
C ALA A 49 0.91 7.44 2.27
N VAL A 50 1.27 7.13 1.02
CA VAL A 50 2.09 7.99 0.18
C VAL A 50 1.45 8.47 -1.13
N SER A 51 2.02 9.50 -1.73
CA SER A 51 1.39 10.18 -2.89
C SER A 51 1.32 9.34 -4.20
N LEU A 52 1.80 8.10 -4.17
CA LEU A 52 1.63 7.22 -5.33
C LEU A 52 0.25 6.54 -5.14
N ALA A 53 -0.69 6.86 -6.00
CA ALA A 53 -2.11 6.54 -5.76
C ALA A 53 -2.76 5.96 -6.97
N ASP A 54 -3.89 5.33 -6.76
CA ASP A 54 -4.75 4.96 -7.85
C ASP A 54 -5.98 5.86 -7.84
N ASP A 55 -6.47 6.13 -9.04
CA ASP A 55 -7.63 6.99 -9.29
C ASP A 55 -8.76 6.21 -9.98
N VAL A 56 -9.88 6.10 -9.27
CA VAL A 56 -10.93 5.17 -9.67
C VAL A 56 -12.17 5.95 -10.00
N THR A 57 -12.63 5.83 -11.24
CA THR A 57 -13.80 6.54 -11.70
C THR A 57 -14.94 5.51 -11.82
N VAL A 58 -16.00 5.74 -11.07
CA VAL A 58 -17.18 4.83 -11.05
C VAL A 58 -18.44 5.56 -11.59
N ARG A 59 -19.20 4.83 -12.42
CA ARG A 59 -20.39 5.35 -13.08
C ARG A 59 -21.46 4.30 -13.02
N ASP A 60 -22.72 4.73 -12.98
CA ASP A 60 -23.82 3.78 -13.19
C ASP A 60 -23.69 3.22 -14.62
N ALA A 61 -24.03 1.95 -14.78
CA ALA A 61 -23.91 1.31 -16.06
C ALA A 61 -24.98 0.21 -16.11
N ASP A 62 -25.06 -0.48 -17.24
CA ASP A 62 -26.01 -1.58 -17.39
C ASP A 62 -25.51 -2.86 -16.71
N VAL A 63 -24.18 -3.00 -16.59
CA VAL A 63 -23.60 -4.17 -15.91
C VAL A 63 -22.32 -3.77 -15.18
N LEU A 64 -21.84 -4.63 -14.28
CA LEU A 64 -20.56 -4.45 -13.62
C LEU A 64 -19.38 -4.61 -14.62
N SER A 65 -18.51 -3.61 -14.68
CA SER A 65 -17.28 -3.75 -15.50
C SER A 65 -16.09 -3.05 -14.86
N ILE A 66 -14.91 -3.54 -15.22
CA ILE A 66 -13.65 -2.95 -14.79
C ILE A 66 -12.72 -2.75 -15.97
N ASP A 67 -12.10 -1.57 -16.02
CA ASP A 67 -11.05 -1.28 -16.99
C ASP A 67 -9.86 -0.69 -16.23
N VAL A 68 -8.67 -0.92 -16.73
CA VAL A 68 -7.45 -0.54 -16.07
C VAL A 68 -6.49 0.16 -17.08
N VAL A 69 -5.92 1.29 -16.64
CA VAL A 69 -4.79 1.90 -17.35
C VAL A 69 -3.70 2.18 -16.34
N GLY A 70 -2.48 2.38 -16.86
CA GLY A 70 -1.31 2.67 -16.07
C GLY A 70 -0.62 1.36 -15.70
N GLN A 71 -0.17 1.25 -14.46
CA GLN A 71 0.50 0.02 -13.96
C GLN A 71 -0.43 -1.18 -14.11
N GLY A 72 0.05 -2.24 -14.78
CA GLY A 72 -0.79 -3.42 -15.01
C GLY A 72 -1.79 -3.30 -16.15
N GLU A 73 -1.70 -2.23 -16.93
CA GLU A 73 -2.61 -2.05 -18.07
C GLU A 73 -2.74 -3.33 -18.92
N GLY A 74 -1.65 -4.01 -19.25
CA GLY A 74 -1.82 -5.28 -20.03
C GLY A 74 -2.42 -6.46 -19.26
N THR A 75 -2.37 -6.33 -17.94
CA THR A 75 -1.99 -7.42 -17.04
C THR A 75 -3.06 -7.73 -16.02
N VAL A 76 -3.50 -6.69 -15.32
CA VAL A 76 -4.48 -6.84 -14.27
C VAL A 76 -5.83 -7.42 -14.75
N PRO A 77 -6.31 -8.51 -14.13
CA PRO A 77 -7.64 -9.07 -14.53
C PRO A 77 -8.76 -8.07 -14.33
N THR A 78 -9.77 -8.13 -15.18
CA THR A 78 -10.93 -7.21 -15.10
C THR A 78 -12.22 -7.98 -14.85
N ASP A 79 -12.09 -9.25 -14.46
CA ASP A 79 -13.23 -10.13 -14.13
C ASP A 79 -13.34 -10.28 -12.60
N GLU A 80 -13.99 -11.35 -12.14
CA GLU A 80 -14.12 -11.63 -10.69
C GLU A 80 -12.82 -11.68 -9.87
N ARG A 81 -11.67 -11.93 -10.49
CA ARG A 81 -10.40 -11.88 -9.77
C ARG A 81 -10.04 -10.50 -9.26
N ASN A 82 -10.60 -9.44 -9.84
CA ASN A 82 -10.25 -8.10 -9.40
C ASN A 82 -10.89 -7.78 -8.01
N LEU A 83 -10.11 -7.22 -7.08
CA LEU A 83 -10.60 -6.92 -5.73
C LEU A 83 -11.66 -5.84 -5.81
N ALA A 84 -11.62 -5.00 -6.85
CA ALA A 84 -12.63 -3.96 -7.06
C ALA A 84 -13.96 -4.56 -7.46
N TRP A 85 -13.93 -5.71 -8.13
CA TRP A 85 -15.16 -6.44 -8.47
C TRP A 85 -15.87 -6.91 -7.21
N GLN A 86 -15.07 -7.53 -6.35
CA GLN A 86 -15.52 -8.03 -5.07
CA GLN A 86 -15.53 -8.03 -5.06
C GLN A 86 -16.10 -6.89 -4.22
N ALA A 87 -15.40 -5.73 -4.21
CA ALA A 87 -15.83 -4.56 -3.45
C ALA A 87 -17.17 -4.02 -3.93
N ALA A 88 -17.37 -4.02 -5.25
CA ALA A 88 -18.60 -3.52 -5.86
C ALA A 88 -19.79 -4.43 -5.50
N GLU A 89 -19.58 -5.75 -5.58
CA GLU A 89 -20.60 -6.72 -5.16
C GLU A 89 -20.95 -6.60 -3.69
N LEU A 90 -19.93 -6.44 -2.87
CA LEU A 90 -20.10 -6.38 -1.42
C LEU A 90 -20.88 -5.14 -1.01
N PHE A 91 -20.49 -4.00 -1.59
CA PHE A 91 -21.13 -2.74 -1.25
C PHE A 91 -22.58 -2.76 -1.73
N ALA A 92 -22.80 -3.23 -2.94
CA ALA A 92 -24.16 -3.36 -3.51
C ALA A 92 -25.06 -4.27 -2.66
N ASP A 93 -24.56 -5.43 -2.28
CA ASP A 93 -25.29 -6.31 -1.37
C ASP A 93 -25.60 -5.62 -0.04
N HIS A 94 -24.65 -4.86 0.50
CA HIS A 94 -24.87 -4.15 1.75
C HIS A 94 -26.01 -3.17 1.66
N VAL A 95 -26.18 -2.56 0.48
CA VAL A 95 -27.18 -1.51 0.31
C VAL A 95 -28.47 -1.99 -0.40
N GLY A 96 -28.55 -3.28 -0.75
CA GLY A 96 -29.74 -3.83 -1.40
C GLY A 96 -30.00 -3.35 -2.82
N ARG A 97 -28.94 -3.36 -3.63
CA ARG A 97 -28.98 -2.95 -5.02
C ARG A 97 -28.05 -3.86 -5.78
N ALA A 98 -28.27 -3.97 -7.09
CA ALA A 98 -27.33 -4.65 -7.99
C ALA A 98 -26.06 -3.78 -8.22
N PRO A 99 -24.86 -4.44 -8.36
CA PRO A 99 -23.57 -3.73 -8.58
C PRO A 99 -23.42 -3.25 -10.02
N ASP A 100 -24.43 -2.55 -10.50
CA ASP A 100 -24.47 -2.11 -11.89
C ASP A 100 -23.65 -0.83 -12.10
N VAL A 101 -22.32 -0.97 -12.10
CA VAL A 101 -21.45 0.17 -12.27
C VAL A 101 -20.20 -0.18 -13.10
N SER A 102 -19.76 0.79 -13.89
CA SER A 102 -18.48 0.68 -14.59
C SER A 102 -17.39 1.28 -13.68
N ILE A 103 -16.27 0.57 -13.56
CA ILE A 103 -15.18 0.98 -12.66
C ILE A 103 -13.94 1.15 -13.55
N PHE A 104 -13.37 2.36 -13.54
CA PHE A 104 -12.16 2.64 -14.30
C PHE A 104 -11.02 2.99 -13.36
N ILE A 105 -9.97 2.19 -13.43
CA ILE A 105 -8.80 2.29 -12.51
C ILE A 105 -7.59 2.81 -13.27
N ASN A 106 -7.22 4.04 -12.93
CA ASN A 106 -5.98 4.61 -13.37
C ASN A 106 -4.91 4.44 -12.30
N LYS A 107 -4.04 3.44 -12.54
CA LYS A 107 -3.06 2.90 -11.55
C LYS A 107 -1.65 3.46 -11.60
N ASP A 108 -1.22 4.10 -10.53
CA ASP A 108 0.25 4.38 -10.34
C ASP A 108 0.88 3.40 -9.30
N ILE A 109 0.04 2.66 -8.57
CA ILE A 109 0.53 1.75 -7.57
C ILE A 109 0.96 0.46 -8.27
N PRO A 110 2.21 0.00 -8.01
CA PRO A 110 2.71 -1.19 -8.72
C PRO A 110 1.89 -2.44 -8.46
N VAL A 111 1.84 -3.32 -9.43
CA VAL A 111 1.08 -4.57 -9.29
C VAL A 111 1.91 -5.59 -8.51
N ALA A 112 1.33 -6.20 -7.48
CA ALA A 112 2.00 -7.29 -6.74
C ALA A 112 3.33 -6.79 -6.14
N GLY A 113 3.32 -5.55 -5.69
CA GLY A 113 4.54 -4.82 -5.33
C GLY A 113 4.70 -4.50 -3.85
N GLY A 114 3.73 -4.86 -3.01
CA GLY A 114 3.83 -4.64 -1.55
C GLY A 114 3.31 -3.29 -1.08
N MET A 115 2.66 -2.59 -1.99
CA MET A 115 2.08 -1.28 -1.70
C MET A 115 0.53 -1.30 -1.69
N ALA A 116 -0.05 -2.49 -1.72
CA ALA A 116 -1.50 -2.69 -1.57
C ALA A 116 -2.32 -1.85 -2.58
N GLY A 117 -2.01 -2.04 -3.86
CA GLY A 117 -2.68 -1.31 -4.94
C GLY A 117 -4.10 -1.76 -5.22
N GLY A 118 -4.32 -3.06 -5.21
CA GLY A 118 -5.67 -3.61 -5.38
C GLY A 118 -6.59 -3.25 -4.21
N SER A 119 -5.98 -3.17 -3.01
CA SER A 119 -6.66 -2.79 -1.80
C SER A 119 -7.05 -1.30 -1.88
N ALA A 120 -6.16 -0.48 -2.45
CA ALA A 120 -6.48 0.93 -2.72
C ALA A 120 -7.70 1.02 -3.67
N ASP A 121 -7.68 0.21 -4.74
CA ASP A 121 -8.74 0.16 -5.72
C ASP A 121 -10.10 -0.20 -5.13
N ALA A 122 -10.11 -1.19 -4.24
CA ALA A 122 -11.31 -1.71 -3.58
C ALA A 122 -11.88 -0.70 -2.61
N ALA A 123 -10.99 -0.12 -1.81
CA ALA A 123 -11.36 1.03 -0.93
C ALA A 123 -11.97 2.20 -1.71
N ALA A 124 -11.35 2.60 -2.83
CA ALA A 124 -11.91 3.65 -3.68
C ALA A 124 -13.32 3.31 -4.16
N VAL A 125 -13.56 2.05 -4.50
CA VAL A 125 -14.87 1.64 -5.02
C VAL A 125 -15.97 1.81 -3.97
N LEU A 126 -15.69 1.36 -2.76
CA LEU A 126 -16.57 1.57 -1.59
C LEU A 126 -16.98 3.06 -1.45
N VAL A 127 -15.96 3.91 -1.33
CA VAL A 127 -16.17 5.36 -1.21
C VAL A 127 -16.93 5.96 -2.42
N ALA A 128 -16.49 5.61 -3.62
CA ALA A 128 -17.10 6.08 -4.87
C ALA A 128 -18.58 5.69 -5.01
N MET A 129 -18.89 4.40 -4.76
CA MET A 129 -20.26 3.90 -4.86
C MET A 129 -21.17 4.55 -3.79
N ASN A 130 -20.66 4.69 -2.57
CA ASN A 130 -21.39 5.38 -1.49
C ASN A 130 -21.82 6.81 -1.91
N GLU A 131 -20.90 7.53 -2.52
CA GLU A 131 -21.18 8.87 -2.99
C GLU A 131 -22.06 8.88 -4.22
N LEU A 132 -21.72 8.06 -5.21
CA LEU A 132 -22.48 7.95 -6.45
C LEU A 132 -23.98 7.70 -6.17
N TRP A 133 -24.25 6.83 -5.20
CA TRP A 133 -25.62 6.48 -4.82
C TRP A 133 -26.18 7.27 -3.67
N HIS A 134 -25.35 8.12 -3.07
CA HIS A 134 -25.69 8.81 -1.85
C HIS A 134 -26.27 7.85 -0.87
N ALA A 135 -25.55 6.74 -0.65
CA ALA A 135 -26.09 5.62 0.12
C ALA A 135 -26.07 5.81 1.62
N GLY A 136 -25.39 6.84 2.13
CA GLY A 136 -25.33 7.11 3.56
C GLY A 136 -24.64 6.07 4.45
N VAL A 137 -23.71 5.28 3.91
CA VAL A 137 -23.04 4.26 4.72
C VAL A 137 -21.96 4.98 5.54
N PRO A 138 -22.03 4.92 6.87
CA PRO A 138 -21.07 5.69 7.65
C PRO A 138 -19.65 5.07 7.58
N ARG A 139 -18.64 5.83 8.00
CA ARG A 139 -17.27 5.37 7.93
C ARG A 139 -17.00 4.02 8.67
N ARG A 140 -17.67 3.80 9.80
CA ARG A 140 -17.45 2.57 10.58
C ARG A 140 -17.88 1.34 9.77
N ASP A 141 -18.99 1.44 9.05
CA ASP A 141 -19.48 0.33 8.22
C ASP A 141 -18.65 0.12 6.97
N LEU A 142 -18.15 1.21 6.41
CA LEU A 142 -17.27 1.11 5.25
C LEU A 142 -16.01 0.38 5.72
N HIS A 143 -15.61 0.66 6.95
CA HIS A 143 -14.44 0.02 7.54
C HIS A 143 -14.64 -1.48 7.68
N HIS A 144 -15.79 -1.90 8.20
CA HIS A 144 -16.18 -3.34 8.30
C HIS A 144 -16.14 -4.07 6.94
N LEU A 145 -16.69 -3.43 5.92
CA LEU A 145 -16.70 -3.99 4.57
C LEU A 145 -15.29 -4.15 4.04
N ALA A 146 -14.49 -3.09 4.20
CA ALA A 146 -13.07 -3.12 3.80
C ALA A 146 -12.36 -4.32 4.46
N ALA A 147 -12.59 -4.49 5.77
CA ALA A 147 -12.03 -5.62 6.53
C ALA A 147 -12.42 -6.96 5.93
N GLN A 148 -13.63 -7.08 5.40
CA GLN A 148 -14.05 -8.32 4.75
C GLN A 148 -13.27 -8.55 3.45
N LEU A 149 -12.89 -7.46 2.77
CA LEU A 149 -12.31 -7.58 1.45
C LEU A 149 -10.85 -7.98 1.50
N GLY A 150 -10.11 -7.48 2.49
CA GLY A 150 -8.71 -7.88 2.67
C GLY A 150 -8.07 -7.04 3.77
N SER A 151 -6.96 -7.53 4.33
CA SER A 151 -6.25 -6.93 5.49
C SER A 151 -5.76 -5.51 5.30
N ASP A 152 -5.43 -5.16 4.05
CA ASP A 152 -4.86 -3.82 3.77
C ASP A 152 -5.95 -2.85 3.30
N VAL A 153 -7.18 -3.33 3.08
CA VAL A 153 -8.24 -2.44 2.56
C VAL A 153 -8.57 -1.33 3.58
N PRO A 154 -8.71 -1.69 4.88
CA PRO A 154 -9.09 -0.61 5.78
C PRO A 154 -8.07 0.51 5.86
N PHE A 155 -6.77 0.19 5.85
CA PHE A 155 -5.81 1.24 5.82
C PHE A 155 -5.98 2.13 4.58
N ALA A 156 -6.32 1.55 3.44
CA ALA A 156 -6.44 2.36 2.21
C ALA A 156 -7.61 3.37 2.34
N LEU A 157 -8.68 2.96 3.04
CA LEU A 157 -9.74 3.92 3.45
C LEU A 157 -9.23 4.99 4.39
N HIS A 158 -8.41 4.57 5.32
CA HIS A 158 -8.05 5.39 6.48
C HIS A 158 -7.00 6.42 6.13
N GLY A 159 -5.95 5.98 5.42
CA GLY A 159 -4.85 6.88 5.04
C GLY A 159 -4.04 7.43 6.23
N GLY A 160 -3.27 8.48 5.98
CA GLY A 160 -2.34 9.05 6.96
C GLY A 160 -1.25 8.06 7.37
N THR A 161 -1.08 7.94 8.69
CA THR A 161 -0.14 6.97 9.32
C THR A 161 -0.89 6.31 10.48
N ALA A 162 -0.74 4.98 10.61
CA ALA A 162 -1.61 4.21 11.51
C ALA A 162 -0.97 2.94 12.02
N LEU A 163 -1.29 2.61 13.26
CA LEU A 163 -0.87 1.37 13.90
C LEU A 163 -1.95 0.31 13.63
N GLY A 164 -1.62 -0.65 12.77
CA GLY A 164 -2.50 -1.78 12.42
C GLY A 164 -2.17 -3.00 13.30
N THR A 165 -3.21 -3.61 13.87
CA THR A 165 -3.05 -4.78 14.73
C THR A 165 -4.05 -5.83 14.25
N GLY A 166 -4.11 -7.00 14.90
CA GLY A 166 -4.94 -8.14 14.39
C GLY A 166 -4.24 -8.69 13.13
N ARG A 167 -5.00 -8.79 12.03
CA ARG A 167 -4.45 -9.07 10.68
C ARG A 167 -3.85 -7.83 10.01
N GLY A 168 -3.99 -6.65 10.63
CA GLY A 168 -3.70 -5.37 9.98
C GLY A 168 -4.93 -4.48 9.81
N GLU A 169 -6.12 -5.08 10.02
CA GLU A 169 -7.41 -4.38 9.83
C GLU A 169 -7.82 -3.46 10.98
N GLN A 170 -7.27 -3.66 12.17
CA GLN A 170 -7.67 -2.84 13.36
C GLN A 170 -6.68 -1.65 13.44
N LEU A 171 -7.18 -0.42 13.31
CA LEU A 171 -6.31 0.75 13.05
C LEU A 171 -6.43 1.78 14.13
N ALA A 172 -5.27 2.26 14.64
CA ALA A 172 -5.21 3.40 15.53
C ALA A 172 -4.28 4.44 14.93
N THR A 173 -4.83 5.60 14.62
CA THR A 173 -4.08 6.66 13.95
C THR A 173 -2.89 7.11 14.80
N VAL A 174 -1.74 7.31 14.15
CA VAL A 174 -0.55 7.88 14.86
C VAL A 174 -0.13 9.18 14.17
N LEU A 175 0.62 10.02 14.91
CA LEU A 175 1.08 11.32 14.43
C LEU A 175 2.39 11.19 13.65
N ALA A 176 2.40 11.78 12.48
CA ALA A 176 3.63 11.86 11.71
C ALA A 176 3.75 13.33 11.39
N ARG A 177 4.51 14.01 12.25
CA ARG A 177 4.49 15.48 12.34
C ARG A 177 5.45 16.15 11.37
N ASN A 178 5.35 15.76 10.11
CA ASN A 178 6.12 16.39 9.03
C ASN A 178 5.64 15.86 7.69
N VAL A 179 6.22 16.38 6.60
CA VAL A 179 6.18 15.72 5.31
C VAL A 179 7.46 14.88 5.19
N PHE A 180 7.27 13.58 4.95
CA PHE A 180 8.37 12.66 4.71
C PHE A 180 8.54 12.36 3.23
N HIS A 181 9.80 12.33 2.77
CA HIS A 181 10.13 12.27 1.35
C HIS A 181 10.67 10.92 0.95
N TRP A 182 10.02 10.32 -0.04
CA TRP A 182 10.28 8.95 -0.47
C TRP A 182 10.68 8.80 -1.90
N VAL A 183 11.50 7.77 -2.12
CA VAL A 183 11.76 7.22 -3.44
C VAL A 183 11.35 5.72 -3.41
N PHE A 184 10.54 5.32 -4.39
CA PHE A 184 10.17 3.93 -4.59
C PHE A 184 10.86 3.36 -5.84
N ALA A 185 11.42 2.16 -5.67
CA ALA A 185 12.05 1.42 -6.77
C ALA A 185 11.15 0.23 -7.10
N PHE A 186 10.54 0.27 -8.29
CA PHE A 186 9.63 -0.78 -8.72
C PHE A 186 10.49 -1.89 -9.26
N ALA A 187 10.12 -3.12 -8.91
CA ALA A 187 10.84 -4.34 -9.28
C ALA A 187 10.45 -4.81 -10.70
N ASP A 188 11.23 -5.73 -11.23
CA ASP A 188 10.97 -6.28 -12.55
C ASP A 188 9.71 -7.14 -12.66
N GLY A 189 9.30 -7.69 -11.56
CA GLY A 189 8.11 -8.50 -11.55
C GLY A 189 7.41 -8.18 -10.25
N GLY A 190 6.64 -9.14 -9.78
CA GLY A 190 5.88 -9.02 -8.54
C GLY A 190 6.17 -10.20 -7.63
N LEU A 191 5.59 -10.13 -6.44
CA LEU A 191 5.65 -11.22 -5.46
C LEU A 191 4.23 -11.47 -5.01
N ALA A 192 3.85 -12.74 -4.81
CA ALA A 192 2.55 -13.06 -4.26
C ALA A 192 2.61 -13.02 -2.74
N THR A 193 1.73 -12.22 -2.14
CA THR A 193 1.75 -11.98 -0.70
C THR A 193 1.71 -13.25 0.14
N PRO A 194 0.77 -14.19 -0.19
CA PRO A 194 0.78 -15.46 0.51
C PRO A 194 2.12 -16.21 0.50
N GLN A 195 2.88 -16.16 -0.62
CA GLN A 195 4.19 -16.83 -0.72
C GLN A 195 5.21 -16.20 0.23
N VAL A 196 5.12 -14.88 0.42
CA VAL A 196 6.05 -14.17 1.27
C VAL A 196 5.80 -14.49 2.77
N PHE A 197 4.53 -14.54 3.16
CA PHE A 197 4.18 -15.02 4.51
C PHE A 197 4.57 -16.49 4.71
N LYS A 198 4.39 -17.33 3.69
CA LYS A 198 4.79 -18.71 3.82
C LYS A 198 6.30 -18.79 4.05
N GLU A 199 7.03 -17.87 3.39
CA GLU A 199 8.48 -17.90 3.37
C GLU A 199 9.06 -17.46 4.74
N ILE A 200 8.47 -16.41 5.32
CA ILE A 200 8.85 -16.06 6.69
C ILE A 200 8.60 -17.22 7.70
N ASP A 201 7.48 -17.95 7.55
CA ASP A 201 7.21 -19.13 8.39
C ASP A 201 8.32 -20.15 8.22
N ARG A 202 8.75 -20.33 6.98
CA ARG A 202 9.81 -21.29 6.65
C ARG A 202 11.18 -20.86 7.21
N LEU A 203 11.50 -19.56 7.10
CA LEU A 203 12.74 -19.05 7.64
C LEU A 203 12.78 -19.22 9.18
N ARG A 204 11.62 -19.11 9.83
CA ARG A 204 11.53 -19.29 11.29
C ARG A 204 11.52 -20.77 11.74
N GLU A 205 11.15 -21.67 10.84
CA GLU A 205 11.31 -23.09 11.09
C GLU A 205 12.77 -23.46 11.11
N ASN A 206 13.54 -22.79 10.24
CA ASN A 206 14.93 -23.15 10.03
C ASN A 206 15.87 -22.58 11.08
N GLY A 207 15.71 -21.32 11.43
CA GLY A 207 16.55 -20.69 12.43
C GLY A 207 15.71 -19.82 13.37
N ASP A 208 16.39 -19.10 14.26
CA ASP A 208 15.73 -18.10 15.10
C ASP A 208 16.33 -16.72 14.77
N PRO A 209 15.98 -16.15 13.59
CA PRO A 209 16.51 -14.85 13.19
C PRO A 209 15.94 -13.68 14.01
N PRO A 210 16.54 -12.47 13.88
CA PRO A 210 16.15 -11.41 14.80
C PRO A 210 14.75 -10.86 14.52
N ARG A 211 14.07 -10.50 15.61
CA ARG A 211 12.78 -9.83 15.59
C ARG A 211 13.00 -8.32 15.80
N LEU A 212 12.08 -7.47 15.33
CA LEU A 212 12.12 -6.04 15.62
C LEU A 212 11.89 -5.77 17.10
N ALA A 213 12.46 -4.70 17.62
CA ALA A 213 12.05 -4.15 18.94
C ALA A 213 10.62 -3.61 18.85
N GLU A 214 10.11 -3.19 20.00
CA GLU A 214 8.84 -2.51 20.08
C GLU A 214 8.83 -1.27 19.18
N ALA A 215 7.65 -0.95 18.70
CA ALA A 215 7.44 0.24 17.87
C ALA A 215 7.61 1.59 18.57
N ASP A 216 7.72 1.58 19.91
CA ASP A 216 7.75 2.82 20.74
C ASP A 216 8.66 3.93 20.17
N GLU A 217 9.93 3.60 19.94
CA GLU A 217 10.93 4.59 19.52
CA GLU A 217 10.94 4.58 19.50
C GLU A 217 10.64 5.12 18.11
N LEU A 218 10.22 4.23 17.22
CA LEU A 218 9.79 4.63 15.87
C LEU A 218 8.59 5.58 15.90
N LEU A 219 7.57 5.23 16.69
CA LEU A 219 6.41 6.10 16.91
C LEU A 219 6.80 7.46 17.49
N GLY A 220 7.76 7.50 18.40
CA GLY A 220 8.26 8.76 18.95
C GLY A 220 8.96 9.60 17.89
N ALA A 221 9.75 8.96 17.03
CA ALA A 221 10.40 9.65 15.90
C ALA A 221 9.36 10.27 14.96
N LEU A 222 8.34 9.48 14.65
CA LEU A 222 7.25 9.95 13.84
C LEU A 222 6.58 11.16 14.48
N ALA A 223 6.26 11.07 15.78
CA ALA A 223 5.59 12.18 16.47
C ALA A 223 6.47 13.44 16.58
N ALA A 224 7.80 13.24 16.57
CA ALA A 224 8.75 14.37 16.54
C ALA A 224 8.92 14.98 15.12
N GLY A 225 8.42 14.29 14.09
CA GLY A 225 8.57 14.77 12.69
C GLY A 225 10.00 14.62 12.18
N ASP A 226 10.71 13.64 12.69
CA ASP A 226 12.16 13.62 12.52
C ASP A 226 12.60 12.46 11.62
N ALA A 227 12.74 12.74 10.33
CA ALA A 227 13.15 11.72 9.35
C ALA A 227 14.50 11.05 9.69
N ARG A 228 15.47 11.83 10.15
CA ARG A 228 16.81 11.26 10.44
C ARG A 228 16.73 10.27 11.62
N ARG A 229 15.96 10.63 12.66
CA ARG A 229 15.66 9.72 13.78
C ARG A 229 14.93 8.46 13.31
N LEU A 230 13.98 8.66 12.38
CA LEU A 230 13.08 7.59 11.94
C LEU A 230 13.83 6.54 11.13
N ALA A 231 14.76 7.01 10.28
CA ALA A 231 15.35 6.14 9.23
C ALA A 231 15.90 4.84 9.77
N PRO A 232 16.78 4.89 10.82
CA PRO A 232 17.37 3.67 11.34
C PRO A 232 16.38 2.80 12.16
N LEU A 233 15.20 3.34 12.48
CA LEU A 233 14.17 2.56 13.17
C LEU A 233 13.20 1.78 12.25
N LEU A 234 13.19 2.15 10.96
CA LEU A 234 12.35 1.51 9.97
C LEU A 234 12.67 -0.01 10.00
N GLY A 235 11.66 -0.83 9.89
CA GLY A 235 11.97 -2.26 9.71
C GLY A 235 10.80 -3.11 9.38
N ASN A 236 11.08 -4.20 8.70
CA ASN A 236 10.06 -5.03 8.14
C ASN A 236 10.43 -6.50 8.22
N GLU A 237 9.71 -7.24 9.08
CA GLU A 237 10.11 -8.63 9.31
C GLU A 237 9.89 -9.53 8.07
N LEU A 238 8.99 -9.14 7.16
CA LEU A 238 8.88 -9.80 5.81
C LEU A 238 10.05 -9.55 4.85
N GLN A 239 10.92 -8.61 5.19
CA GLN A 239 12.01 -8.25 4.30
C GLN A 239 12.97 -9.41 4.03
N ALA A 240 13.34 -10.11 5.10
CA ALA A 240 14.12 -11.36 4.99
C ALA A 240 13.43 -12.42 4.11
N ALA A 241 12.09 -12.45 4.11
CA ALA A 241 11.36 -13.41 3.25
C ALA A 241 11.40 -12.96 1.78
N ALA A 242 11.22 -11.66 1.58
CA ALA A 242 11.16 -11.09 0.26
C ALA A 242 12.51 -11.18 -0.41
N VAL A 243 13.60 -10.90 0.35
CA VAL A 243 14.98 -10.99 -0.17
C VAL A 243 15.39 -12.49 -0.33
N SER A 244 14.88 -13.36 0.52
CA SER A 244 15.06 -14.78 0.28
C SER A 244 14.56 -15.22 -1.11
N LEU A 245 13.36 -14.76 -1.46
CA LEU A 245 12.74 -15.11 -2.71
C LEU A 245 13.37 -14.34 -3.89
N ASN A 246 13.67 -13.05 -3.68
CA ASN A 246 14.24 -12.20 -4.73
C ASN A 246 15.58 -11.61 -4.28
N PRO A 247 16.67 -12.36 -4.46
CA PRO A 247 17.99 -11.95 -3.91
C PRO A 247 18.51 -10.61 -4.43
N GLU A 248 18.25 -10.35 -5.72
CA GLU A 248 18.55 -9.06 -6.38
C GLU A 248 18.10 -7.83 -5.60
N LEU A 249 17.06 -7.96 -4.77
CA LEU A 249 16.58 -6.81 -3.98
C LEU A 249 17.66 -6.19 -3.09
N ARG A 250 18.66 -6.99 -2.71
CA ARG A 250 19.77 -6.48 -1.91
C ARG A 250 20.59 -5.43 -2.66
N ARG A 251 20.75 -5.65 -3.96
CA ARG A 251 21.44 -4.69 -4.83
C ARG A 251 20.68 -3.36 -4.93
N THR A 252 19.38 -3.47 -5.14
CA THR A 252 18.51 -2.29 -5.15
C THR A 252 18.62 -1.50 -3.84
N LEU A 253 18.57 -2.20 -2.71
CA LEU A 253 18.61 -1.54 -1.41
C LEU A 253 19.98 -0.86 -1.23
N ARG A 254 21.05 -1.63 -1.47
CA ARG A 254 22.41 -1.10 -1.39
C ARG A 254 22.59 0.13 -2.28
N ALA A 255 22.05 0.09 -3.50
CA ALA A 255 22.22 1.21 -4.45
C ALA A 255 21.51 2.50 -3.96
N GLY A 256 20.26 2.37 -3.54
CA GLY A 256 19.53 3.53 -2.99
C GLY A 256 20.19 4.14 -1.77
N GLU A 257 20.71 3.28 -0.90
CA GLU A 257 21.45 3.72 0.26
C GLU A 257 22.67 4.51 -0.19
N SER A 258 23.51 3.91 -1.04
CA SER A 258 24.72 4.55 -1.55
CA SER A 258 24.71 4.57 -1.52
C SER A 258 24.43 5.84 -2.35
N ALA A 259 23.24 5.90 -2.98
CA ALA A 259 22.78 7.12 -3.68
C ALA A 259 22.42 8.31 -2.73
N GLY A 260 22.33 8.06 -1.44
CA GLY A 260 22.06 9.13 -0.49
C GLY A 260 20.86 8.91 0.44
N ALA A 261 20.09 7.84 0.22
CA ALA A 261 18.95 7.56 1.10
C ALA A 261 19.43 7.37 2.55
N LEU A 262 18.66 7.92 3.52
CA LEU A 262 18.88 7.64 4.93
C LEU A 262 18.71 6.16 5.27
N ALA A 263 17.74 5.53 4.64
CA ALA A 263 17.42 4.12 4.85
C ALA A 263 16.58 3.56 3.69
N GLY A 264 16.77 2.29 3.41
CA GLY A 264 15.97 1.56 2.45
C GLY A 264 15.37 0.35 3.11
N ILE A 265 14.16 0.00 2.70
CA ILE A 265 13.49 -1.20 3.19
C ILE A 265 12.59 -1.69 2.10
N VAL A 266 12.33 -2.98 2.11
CA VAL A 266 11.30 -3.54 1.28
C VAL A 266 9.95 -3.06 1.80
N SER A 267 9.04 -2.68 0.89
CA SER A 267 7.70 -2.27 1.27
C SER A 267 6.79 -3.51 1.34
N GLY A 268 6.23 -3.77 2.52
CA GLY A 268 5.30 -4.82 2.66
C GLY A 268 5.90 -6.17 2.34
N SER A 269 5.14 -6.93 1.56
CA SER A 269 5.56 -8.23 1.11
C SER A 269 6.46 -8.09 -0.12
N GLY A 270 6.73 -6.86 -0.56
CA GLY A 270 7.65 -6.65 -1.67
C GLY A 270 7.09 -6.87 -3.05
N PRO A 271 7.94 -6.73 -4.09
CA PRO A 271 9.37 -6.47 -4.08
C PRO A 271 9.73 -5.02 -4.22
N THR A 272 8.77 -4.11 -4.04
CA THR A 272 9.10 -2.68 -4.10
C THR A 272 10.05 -2.35 -2.96
N CYS A 273 11.06 -1.53 -3.27
CA CYS A 273 11.94 -0.96 -2.25
C CYS A 273 11.60 0.49 -2.03
N ALA A 274 11.55 0.88 -0.76
CA ALA A 274 11.22 2.22 -0.32
C ALA A 274 12.45 2.90 0.31
N PHE A 275 12.71 4.14 -0.07
CA PHE A 275 13.87 4.91 0.43
C PHE A 275 13.46 6.24 1.06
N LEU A 276 13.74 6.37 2.35
CA LEU A 276 13.39 7.59 3.08
C LEU A 276 14.53 8.59 2.90
N CYS A 277 14.20 9.81 2.51
CA CYS A 277 15.18 10.85 2.22
C CYS A 277 14.98 12.02 3.19
N THR A 278 15.91 12.96 3.27
CA THR A 278 15.83 14.07 4.25
C THR A 278 14.99 15.25 3.76
N SER A 279 14.95 15.43 2.45
CA SER A 279 14.17 16.52 1.84
C SER A 279 13.65 16.13 0.45
N ALA A 280 12.72 16.93 -0.08
CA ALA A 280 12.26 16.80 -1.47
C ALA A 280 13.43 16.74 -2.44
N ASP A 281 14.35 17.68 -2.31
CA ASP A 281 15.49 17.79 -3.22
C ASP A 281 16.40 16.57 -3.12
N ASP A 282 16.55 16.07 -1.90
CA ASP A 282 17.31 14.85 -1.64
C ASP A 282 16.74 13.63 -2.38
N ALA A 283 15.43 13.51 -2.35
CA ALA A 283 14.71 12.44 -3.12
C ALA A 283 14.89 12.62 -4.64
N VAL A 284 14.91 13.87 -5.12
CA VAL A 284 15.19 14.14 -6.54
C VAL A 284 16.54 13.53 -6.90
N GLN A 285 17.52 13.81 -6.06
CA GLN A 285 18.87 13.32 -6.24
C GLN A 285 18.92 11.80 -6.13
N VAL A 286 18.31 11.22 -5.08
CA VAL A 286 18.39 9.76 -4.89
C VAL A 286 17.73 8.98 -6.02
N SER A 287 16.59 9.50 -6.51
CA SER A 287 15.80 8.82 -7.53
C SER A 287 16.58 8.78 -8.83
N ALA A 288 17.25 9.90 -9.15
CA ALA A 288 18.04 9.97 -10.36
C ALA A 288 19.22 8.99 -10.32
N GLU A 289 19.98 8.99 -9.23
CA GLU A 289 21.15 8.10 -9.14
C GLU A 289 20.69 6.65 -9.25
N LEU A 290 19.57 6.33 -8.60
CA LEU A 290 19.07 4.95 -8.62
C LEU A 290 18.60 4.47 -10.00
N ALA A 291 17.92 5.33 -10.77
CA ALA A 291 17.45 4.95 -12.13
C ALA A 291 18.61 4.65 -13.08
N GLY A 292 19.76 5.23 -12.82
CA GLY A 292 20.95 4.99 -13.63
C GLY A 292 21.85 3.87 -13.11
N ALA A 293 21.51 3.30 -11.94
CA ALA A 293 22.34 2.28 -11.29
C ALA A 293 22.15 0.87 -11.85
N GLY A 294 21.06 0.65 -12.59
CA GLY A 294 20.79 -0.63 -13.27
C GLY A 294 20.28 -1.72 -12.36
N VAL A 295 19.50 -1.35 -11.33
CA VAL A 295 19.13 -2.30 -10.28
C VAL A 295 17.64 -2.56 -10.11
N CYS A 296 16.77 -1.78 -10.76
CA CYS A 296 15.33 -1.92 -10.60
C CYS A 296 14.66 -1.58 -11.93
N ARG A 297 13.34 -1.76 -11.99
CA ARG A 297 12.63 -1.53 -13.23
C ARG A 297 12.42 -0.05 -13.54
N THR A 298 11.93 0.70 -12.56
CA THR A 298 11.63 2.09 -12.73
C THR A 298 11.50 2.69 -11.37
N VAL A 299 11.65 4.01 -11.30
CA VAL A 299 11.71 4.71 -10.02
CA VAL A 299 11.74 4.72 -10.03
C VAL A 299 10.68 5.82 -9.94
N ARG A 300 10.24 6.06 -8.69
CA ARG A 300 9.24 7.10 -8.37
C ARG A 300 9.73 7.94 -7.18
N VAL A 301 9.27 9.19 -7.15
CA VAL A 301 9.34 10.05 -5.96
C VAL A 301 7.94 10.23 -5.44
N ALA A 302 7.80 10.31 -4.11
CA ALA A 302 6.50 10.44 -3.48
C ALA A 302 6.73 11.07 -2.13
N SER A 303 5.63 11.48 -1.52
CA SER A 303 5.68 12.07 -0.18
C SER A 303 4.53 11.50 0.65
N GLY A 304 4.72 11.52 1.97
CA GLY A 304 3.67 11.17 2.89
C GLY A 304 3.74 11.95 4.18
N PRO A 305 2.67 11.88 4.99
CA PRO A 305 1.45 11.09 4.83
C PRO A 305 0.48 11.75 3.89
N VAL A 306 -0.36 10.99 3.22
CA VAL A 306 -1.45 11.60 2.44
C VAL A 306 -2.78 11.05 2.92
N HIS A 307 -3.87 11.66 2.46
CA HIS A 307 -5.21 11.28 2.90
C HIS A 307 -5.57 9.92 2.38
N GLY A 308 -6.51 9.29 3.07
CA GLY A 308 -7.08 8.02 2.61
C GLY A 308 -8.05 8.25 1.44
N ALA A 309 -8.76 7.19 1.05
CA ALA A 309 -9.61 7.21 -0.13
C ALA A 309 -10.56 8.39 -0.07
N GLN A 310 -10.50 9.24 -1.10
CA GLN A 310 -11.19 10.53 -1.09
C GLN A 310 -11.77 10.87 -2.46
N VAL A 311 -13.03 11.27 -2.48
CA VAL A 311 -13.66 11.84 -3.68
C VAL A 311 -12.84 13.07 -4.14
N ILE A 312 -12.49 13.07 -5.42
CA ILE A 312 -11.76 14.13 -6.10
C ILE A 312 -12.75 15.15 -6.65
O3P C5P B . -6.32 -11.06 1.46
P C5P B . -5.34 -10.41 2.42
O1P C5P B . -4.53 -9.32 1.80
O2P C5P B . -5.88 -10.08 3.81
O5' C5P B . -4.30 -11.62 2.70
C5' C5P B . -3.71 -12.30 1.60
C4' C5P B . -2.89 -13.46 2.10
O4' C5P B . -1.70 -12.98 2.75
C3' C5P B . -3.62 -14.35 3.12
O3' C5P B . -4.39 -15.39 2.53
C2' C5P B . -2.43 -14.89 3.89
O2' C5P B . -1.86 -15.99 3.19
C1' C5P B . -1.43 -13.74 3.91
N1 C5P B . -1.63 -12.88 5.10
C2 C5P B . -1.27 -13.42 6.33
N3 C5P B . -1.42 -12.70 7.46
C4 C5P B . -1.90 -11.43 7.42
C5 C5P B . -2.25 -10.86 6.19
C6 C5P B . -2.11 -11.61 5.04
O2 C5P B . -0.82 -14.58 6.35
N4 C5P B . -2.05 -10.74 8.57
PG ATP C . -0.54 -6.26 -0.53
O1G ATP C . 0.73 -5.48 -0.51
O2G ATP C . -0.45 -7.73 -0.17
O3G ATP C . -1.76 -5.57 0.08
PB ATP C . 0.10 -5.91 -3.33
O1B ATP C . -0.17 -4.46 -3.82
O2B ATP C . 1.46 -6.53 -3.16
O3B ATP C . -0.90 -6.29 -2.12
PA ATP C . -1.78 -5.96 -5.38
O1A ATP C . -2.87 -5.33 -4.51
O2A ATP C . -1.30 -5.35 -6.67
O3A ATP C . -0.60 -6.70 -4.56
O5' ATP C . -2.48 -7.37 -5.81
C5' ATP C . -1.83 -8.28 -6.72
C4' ATP C . -2.63 -9.58 -6.92
O4' ATP C . -4.07 -9.37 -6.90
C3' ATP C . -2.38 -10.19 -8.27
O3' ATP C . -2.66 -11.58 -8.14
C2' ATP C . -3.39 -9.50 -9.18
O2' ATP C . -3.77 -10.24 -10.35
C1' ATP C . -4.58 -9.36 -8.26
N9 ATP C . -5.40 -8.13 -8.41
C8 ATP C . -6.75 -8.17 -8.29
N7 ATP C . -7.26 -6.92 -8.40
C5 ATP C . -6.22 -6.06 -8.61
C6 ATP C . -6.11 -4.60 -8.77
N6 ATP C . -7.23 -3.83 -8.80
N1 ATP C . -4.86 -4.09 -8.90
C2 ATP C . -3.74 -4.88 -8.89
N3 ATP C . -3.79 -6.22 -8.74
C4 ATP C . -5.00 -6.87 -8.60
CL CL D . -11.49 4.70 8.64
#